data_7BC0
#
_entry.id   7BC0
#
_cell.length_a   108.928
_cell.length_b   108.928
_cell.length_c   108.928
_cell.angle_alpha   90.000
_cell.angle_beta   90.000
_cell.angle_gamma   90.000
#
_symmetry.space_group_name_H-M   'P 21 3'
#
loop_
_entity.id
_entity.type
_entity.pdbx_description
1 polymer 'Aryl-alcohol dehydrogenase'
2 non-polymer 'PHOSPHATE ION'
3 water water
#
_entity_poly.entity_id   1
_entity_poly.type   'polypeptide(L)'
_entity_poly.pdbx_seq_one_letter_code
;MQRIALSDKLELSRIVYGMWRIGDDADTSPAHVQAKIEACLAQGITTMDQADIYGGYTAEAILGGGLKAAPGLRDKIEIV
TKCGIVAPAGRHSSARVKHYDTTAGHINVSVEASLRDMGTDHVDLLLIHRPDPLIDAEETGKALDALVASGKVKAVGVSN
FRPWDFSLLQSAMSNRLVTNQIEMSLLATDTFTNGDLAYLQEKRVSPMAWSPLGGGSLFSGAYGGTMAALQRIGKEQGVD
ATAVAIAWLLRHPAKIVPVLGTNNLERIRTAADALRVTMDRQTWFELYTLAIGKEVALEHHHHHH
;
_entity_poly.pdbx_strand_id   A
#
loop_
_chem_comp.id
_chem_comp.type
_chem_comp.name
_chem_comp.formula
PO4 non-polymer 'PHOSPHATE ION' 'O4 P -3'
#
# COMPACT_ATOMS: atom_id res chain seq x y z
N MET A 1 -14.37 -5.18 -9.28
CA MET A 1 -12.97 -5.72 -9.33
C MET A 1 -12.88 -6.87 -8.34
N GLN A 2 -12.13 -7.88 -8.71
CA GLN A 2 -11.78 -8.99 -7.82
C GLN A 2 -11.32 -8.48 -6.45
N ARG A 3 -11.80 -9.15 -5.40
CA ARG A 3 -11.50 -8.85 -3.97
C ARG A 3 -10.33 -9.70 -3.51
N ILE A 4 -9.60 -9.24 -2.49
CA ILE A 4 -8.57 -10.09 -1.83
C ILE A 4 -8.82 -10.05 -0.33
N ALA A 5 -8.95 -11.24 0.26
CA ALA A 5 -9.13 -11.36 1.71
C ALA A 5 -7.72 -11.36 2.32
N LEU A 6 -7.32 -10.30 3.01
CA LEU A 6 -6.08 -10.33 3.82
C LEU A 6 -6.28 -11.25 5.04
N SER A 7 -7.48 -11.35 5.57
CA SER A 7 -7.84 -12.21 6.72
C SER A 7 -9.34 -12.44 6.64
N ASP A 8 -9.86 -13.22 7.59
CA ASP A 8 -11.30 -13.45 7.82
C ASP A 8 -11.99 -12.11 8.13
N LYS A 9 -11.28 -11.07 8.59
CA LYS A 9 -11.91 -9.77 8.99
C LYS A 9 -11.70 -8.64 7.98
N LEU A 10 -10.80 -8.77 7.01
CA LEU A 10 -10.49 -7.61 6.14
C LEU A 10 -10.37 -8.12 4.70
N GLU A 11 -11.09 -7.45 3.82
CA GLU A 11 -11.08 -7.73 2.36
C GLU A 11 -10.84 -6.41 1.67
N LEU A 12 -9.87 -6.36 0.76
CA LEU A 12 -9.56 -5.16 -0.07
C LEU A 12 -9.98 -5.39 -1.52
N SER A 13 -9.88 -4.34 -2.31
CA SER A 13 -9.88 -4.48 -3.78
C SER A 13 -8.48 -4.99 -4.20
N ARG A 14 -8.36 -5.75 -5.27
CA ARG A 14 -7.03 -6.37 -5.59
C ARG A 14 -6.00 -5.30 -5.91
N ILE A 15 -6.42 -4.14 -6.43
CA ILE A 15 -5.60 -2.92 -6.60
C ILE A 15 -6.11 -1.85 -5.62
N VAL A 16 -5.19 -1.11 -5.03
CA VAL A 16 -5.45 -0.08 -4.00
C VAL A 16 -5.05 1.27 -4.55
N TYR A 17 -5.83 2.30 -4.22
CA TYR A 17 -5.57 3.67 -4.65
C TYR A 17 -4.84 4.39 -3.53
N GLY A 18 -3.59 4.78 -3.81
CA GLY A 18 -2.74 5.53 -2.87
C GLY A 18 -3.08 7.01 -2.94
N MET A 19 -3.39 7.62 -1.80
CA MET A 19 -3.85 9.04 -1.74
C MET A 19 -2.74 9.96 -1.24
N TRP A 20 -1.49 9.52 -1.29
CA TRP A 20 -0.38 10.36 -0.75
C TRP A 20 -0.22 11.70 -1.47
N ARG A 21 -0.67 11.82 -2.72
CA ARG A 21 -0.54 13.09 -3.49
C ARG A 21 -1.80 13.95 -3.45
N ILE A 22 -2.83 13.53 -2.72
CA ILE A 22 -4.14 14.22 -2.76
C ILE A 22 -3.97 15.70 -2.36
N GLY A 23 -3.05 16.00 -1.45
CA GLY A 23 -2.82 17.39 -1.01
C GLY A 23 -2.01 18.20 -2.00
N ASP A 24 -1.36 17.55 -2.96
CA ASP A 24 -0.48 18.21 -3.97
C ASP A 24 -1.33 18.73 -5.12
N ASP A 25 -2.51 18.16 -5.32
CA ASP A 25 -3.41 18.63 -6.38
C ASP A 25 -3.72 20.10 -6.08
N ALA A 26 -3.76 20.92 -7.13
CA ALA A 26 -4.16 22.34 -7.02
C ALA A 26 -5.58 22.38 -6.45
N ASP A 27 -6.43 21.44 -6.89
CA ASP A 27 -7.82 21.27 -6.38
C ASP A 27 -7.82 20.27 -5.18
N THR A 28 -8.08 20.76 -3.97
CA THR A 28 -8.25 19.94 -2.73
C THR A 28 -9.68 20.09 -2.21
N SER A 29 -10.61 20.58 -3.04
CA SER A 29 -12.02 20.80 -2.63
C SER A 29 -12.65 19.45 -2.32
N PRO A 30 -13.66 19.39 -1.45
CA PRO A 30 -14.44 18.18 -1.29
C PRO A 30 -14.90 17.58 -2.62
N ALA A 31 -15.31 18.41 -3.56
CA ALA A 31 -15.92 17.95 -4.84
C ALA A 31 -14.88 17.16 -5.65
N HIS A 32 -13.64 17.66 -5.74
CA HIS A 32 -12.56 16.97 -6.49
C HIS A 32 -12.12 15.69 -5.77
N VAL A 33 -12.10 15.69 -4.43
CA VAL A 33 -11.77 14.47 -3.65
C VAL A 33 -12.84 13.43 -3.92
N GLN A 34 -14.11 13.82 -3.92
CA GLN A 34 -15.23 12.87 -4.20
C GLN A 34 -15.10 12.31 -5.61
N ALA A 35 -14.78 13.15 -6.59
CA ALA A 35 -14.60 12.77 -8.00
C ALA A 35 -13.54 11.66 -8.06
N LYS A 36 -12.42 11.82 -7.35
CA LYS A 36 -11.30 10.84 -7.42
C LYS A 36 -11.78 9.51 -6.85
N ILE A 37 -12.43 9.54 -5.68
CA ILE A 37 -13.00 8.33 -5.04
C ILE A 37 -14.05 7.70 -5.98
N GLU A 38 -14.85 8.52 -6.63
CA GLU A 38 -15.93 7.97 -7.51
C GLU A 38 -15.31 7.34 -8.79
N ALA A 39 -14.28 7.93 -9.35
CA ALA A 39 -13.48 7.31 -10.46
C ALA A 39 -12.92 5.93 -10.05
N CYS A 40 -12.47 5.77 -8.80
CA CYS A 40 -11.93 4.47 -8.30
C CYS A 40 -13.06 3.45 -8.25
N LEU A 41 -14.15 3.82 -7.56
CA LEU A 41 -15.35 2.99 -7.39
C LEU A 41 -15.90 2.55 -8.75
N ALA A 42 -15.84 3.42 -9.77
CA ALA A 42 -16.29 3.08 -11.17
C ALA A 42 -15.46 1.89 -11.68
N GLN A 43 -14.18 1.76 -11.26
CA GLN A 43 -13.29 0.62 -11.65
C GLN A 43 -13.28 -0.49 -10.58
N GLY A 44 -14.09 -0.42 -9.54
CA GLY A 44 -14.13 -1.44 -8.48
C GLY A 44 -12.95 -1.35 -7.51
N ILE A 45 -12.20 -0.25 -7.57
CA ILE A 45 -11.11 0.07 -6.59
C ILE A 45 -11.78 0.74 -5.37
N THR A 46 -11.93 0.01 -4.29
CA THR A 46 -12.68 0.45 -3.10
C THR A 46 -11.70 0.80 -1.97
N THR A 47 -10.44 0.38 -2.08
CA THR A 47 -9.46 0.53 -0.99
C THR A 47 -8.64 1.79 -1.23
N MET A 48 -8.67 2.68 -0.26
CA MET A 48 -7.88 3.93 -0.22
C MET A 48 -6.74 3.79 0.79
N ASP A 49 -5.54 4.20 0.38
CA ASP A 49 -4.32 4.09 1.21
C ASP A 49 -3.92 5.50 1.64
N GLN A 50 -3.89 5.74 2.96
CA GLN A 50 -3.53 7.02 3.59
C GLN A 50 -2.40 6.81 4.60
N ALA A 51 -1.94 7.90 5.19
CA ALA A 51 -1.00 7.88 6.34
C ALA A 51 -1.18 9.20 7.07
N ASP A 52 -0.92 9.22 8.36
CA ASP A 52 -1.04 10.49 9.13
C ASP A 52 -0.11 11.53 8.48
N ILE A 53 1.10 11.14 8.08
CA ILE A 53 2.17 12.09 7.69
C ILE A 53 1.88 12.67 6.29
N TYR A 54 1.02 12.07 5.47
CA TYR A 54 0.85 12.54 4.09
C TYR A 54 0.38 14.00 4.11
N GLY A 55 0.89 14.80 3.19
CA GLY A 55 0.60 16.26 3.09
C GLY A 55 1.15 17.02 4.29
N GLY A 56 2.22 16.54 4.91
CA GLY A 56 2.66 17.10 6.21
C GLY A 56 1.50 17.11 7.22
N TYR A 57 0.82 15.98 7.38
CA TYR A 57 -0.25 15.74 8.40
C TYR A 57 -1.51 16.54 8.02
N THR A 58 -1.86 16.57 6.74
CA THR A 58 -3.09 17.25 6.22
C THR A 58 -3.83 16.36 5.19
N ALA A 59 -3.23 15.30 4.62
CA ALA A 59 -3.88 14.58 3.51
C ALA A 59 -5.15 13.87 3.97
N GLU A 60 -5.14 13.30 5.17
CA GLU A 60 -6.35 12.66 5.75
C GLU A 60 -7.46 13.68 5.88
N ALA A 61 -7.17 14.88 6.38
CA ALA A 61 -8.22 15.93 6.58
C ALA A 61 -8.78 16.32 5.20
N ILE A 62 -7.95 16.36 4.18
CA ILE A 62 -8.39 16.70 2.81
C ILE A 62 -9.32 15.60 2.30
N LEU A 63 -8.97 14.32 2.47
CA LEU A 63 -9.88 13.18 2.20
C LEU A 63 -11.16 13.34 3.01
N GLY A 64 -11.06 13.69 4.29
CA GLY A 64 -12.20 13.91 5.20
C GLY A 64 -13.15 14.98 4.65
N GLY A 65 -12.60 16.04 4.07
CA GLY A 65 -13.46 17.10 3.50
C GLY A 65 -14.39 16.47 2.47
N GLY A 66 -13.85 15.56 1.65
CA GLY A 66 -14.64 14.83 0.66
C GLY A 66 -15.69 13.96 1.28
N LEU A 67 -15.29 13.13 2.24
CA LEU A 67 -16.16 12.12 2.90
C LEU A 67 -17.26 12.80 3.72
N LYS A 68 -16.92 13.89 4.43
CA LYS A 68 -17.87 14.56 5.36
C LYS A 68 -18.98 15.24 4.54
N ALA A 69 -18.66 15.72 3.33
CA ALA A 69 -19.62 16.38 2.41
C ALA A 69 -20.36 15.35 1.53
N ALA A 70 -20.09 14.05 1.62
CA ALA A 70 -20.76 13.01 0.78
C ALA A 70 -21.21 11.87 1.67
N PRO A 71 -22.33 12.03 2.42
CA PRO A 71 -22.83 10.97 3.29
C PRO A 71 -22.98 9.66 2.50
N GLY A 72 -22.55 8.56 3.08
CA GLY A 72 -22.66 7.23 2.44
C GLY A 72 -21.37 6.83 1.72
N LEU A 73 -20.46 7.76 1.42
CA LEU A 73 -19.27 7.48 0.58
C LEU A 73 -18.27 6.62 1.38
N ARG A 74 -18.11 6.88 2.69
CA ARG A 74 -17.15 6.10 3.53
C ARG A 74 -17.55 4.63 3.61
N ASP A 75 -18.85 4.32 3.62
CA ASP A 75 -19.35 2.92 3.67
C ASP A 75 -18.95 2.16 2.39
N LYS A 76 -18.65 2.86 1.30
CA LYS A 76 -18.31 2.20 0.00
C LYS A 76 -16.82 1.86 -0.08
N ILE A 77 -15.98 2.40 0.82
CA ILE A 77 -14.50 2.24 0.67
C ILE A 77 -13.94 1.51 1.89
N GLU A 78 -12.74 0.93 1.77
CA GLU A 78 -11.90 0.57 2.94
C GLU A 78 -10.83 1.65 3.04
N ILE A 79 -10.43 1.99 4.27
CA ILE A 79 -9.37 2.99 4.50
C ILE A 79 -8.23 2.26 5.19
N VAL A 80 -7.05 2.39 4.60
CA VAL A 80 -5.76 1.98 5.20
C VAL A 80 -5.13 3.27 5.66
N THR A 81 -4.68 3.32 6.90
CA THR A 81 -3.82 4.45 7.30
C THR A 81 -2.62 3.91 8.06
N LYS A 82 -1.71 4.80 8.39
CA LYS A 82 -0.39 4.42 8.96
C LYS A 82 0.03 5.46 9.99
N CYS A 83 0.86 5.08 10.93
CA CYS A 83 1.49 6.06 11.83
C CYS A 83 2.85 5.53 12.25
N GLY A 84 3.63 6.37 12.92
CA GLY A 84 4.93 5.96 13.46
C GLY A 84 6.02 6.90 13.02
N ILE A 85 5.80 7.73 12.00
CA ILE A 85 6.81 8.71 11.50
C ILE A 85 6.43 10.10 11.99
N VAL A 86 7.39 10.78 12.63
CA VAL A 86 7.19 12.12 13.22
C VAL A 86 8.19 13.05 12.59
N ALA A 87 7.70 13.90 11.69
CA ALA A 87 8.49 14.95 11.01
C ALA A 87 7.98 16.28 11.52
N PRO A 88 8.83 17.32 11.56
CA PRO A 88 8.40 18.63 12.09
C PRO A 88 7.55 19.38 11.07
N ALA A 89 6.30 18.97 10.92
CA ALA A 89 5.35 19.58 9.97
C ALA A 89 3.99 19.56 10.65
N GLY A 90 3.14 20.53 10.27
CA GLY A 90 1.77 20.60 10.75
C GLY A 90 1.71 20.47 12.25
N ARG A 91 0.87 19.56 12.73
CA ARG A 91 0.59 19.45 14.18
C ARG A 91 1.84 18.96 14.92
N HIS A 92 2.86 18.40 14.23
CA HIS A 92 4.12 17.94 14.88
C HIS A 92 5.25 18.96 14.71
N SER A 93 4.95 20.21 14.38
CA SER A 93 6.01 21.19 14.06
C SER A 93 6.91 21.53 15.26
N SER A 94 6.48 21.30 16.49
CA SER A 94 7.31 21.45 17.72
C SER A 94 8.49 20.47 17.67
N ALA A 95 8.41 19.39 16.90
CA ALA A 95 9.42 18.30 16.87
C ALA A 95 10.79 18.89 16.55
N ARG A 96 11.83 18.51 17.27
CA ARG A 96 13.22 19.02 17.08
C ARG A 96 13.88 18.25 15.94
N VAL A 97 13.55 16.96 15.77
CA VAL A 97 14.22 16.12 14.74
C VAL A 97 13.18 15.15 14.14
N LYS A 98 13.45 14.68 12.93
CA LYS A 98 12.68 13.59 12.26
C LYS A 98 12.95 12.27 13.01
N HIS A 99 11.89 11.60 13.48
CA HIS A 99 12.06 10.40 14.31
C HIS A 99 10.88 9.46 14.09
N TYR A 100 10.99 8.28 14.69
CA TYR A 100 9.84 7.35 14.73
C TYR A 100 9.29 7.37 16.14
N ASP A 101 8.00 7.11 16.24
CA ASP A 101 7.31 6.95 17.55
C ASP A 101 6.30 5.82 17.43
N THR A 102 6.56 4.71 18.12
CA THR A 102 5.70 3.51 18.12
C THR A 102 5.11 3.34 19.52
N THR A 103 5.16 4.38 20.35
CA THR A 103 4.59 4.33 21.72
C THR A 103 3.07 4.22 21.68
N ALA A 104 2.49 3.59 22.70
CA ALA A 104 1.03 3.42 22.77
C ALA A 104 0.36 4.80 22.67
N GLY A 105 0.93 5.79 23.36
CA GLY A 105 0.36 7.15 23.46
C GLY A 105 0.31 7.79 22.08
N HIS A 106 1.40 7.68 21.32
CA HIS A 106 1.50 8.27 19.96
C HIS A 106 0.56 7.56 18.98
N ILE A 107 0.57 6.23 18.93
CA ILE A 107 -0.34 5.43 18.05
C ILE A 107 -1.78 5.86 18.32
N ASN A 108 -2.17 5.96 19.60
CA ASN A 108 -3.59 6.30 19.95
C ASN A 108 -3.87 7.72 19.46
N VAL A 109 -2.95 8.65 19.68
CA VAL A 109 -3.14 10.08 19.30
C VAL A 109 -3.30 10.13 17.76
N SER A 110 -2.46 9.39 17.03
CA SER A 110 -2.47 9.38 15.54
C SER A 110 -3.75 8.77 15.03
N VAL A 111 -4.17 7.65 15.60
CA VAL A 111 -5.47 7.01 15.22
C VAL A 111 -6.63 7.95 15.51
N GLU A 112 -6.67 8.57 16.70
CA GLU A 112 -7.76 9.52 17.05
C GLU A 112 -7.79 10.64 16.00
N ALA A 113 -6.64 11.13 15.54
CA ALA A 113 -6.56 12.22 14.53
C ALA A 113 -7.02 11.70 13.17
N SER A 114 -6.69 10.47 12.80
CA SER A 114 -7.11 9.86 11.52
C SER A 114 -8.65 9.78 11.49
N LEU A 115 -9.24 9.33 12.60
CA LEU A 115 -10.71 9.19 12.68
C LEU A 115 -11.33 10.59 12.62
N ARG A 116 -10.77 11.57 13.33
CA ARG A 116 -11.32 12.95 13.39
C ARG A 116 -11.24 13.56 11.97
N ASP A 117 -10.07 13.48 11.37
CA ASP A 117 -9.73 14.10 10.05
C ASP A 117 -10.60 13.48 8.95
N MET A 118 -10.89 12.18 8.94
CA MET A 118 -11.63 11.50 7.82
C MET A 118 -13.13 11.39 8.13
N GLY A 119 -13.52 11.75 9.36
CA GLY A 119 -14.93 11.81 9.78
C GLY A 119 -15.51 10.43 9.91
N THR A 120 -14.73 9.45 10.39
CA THR A 120 -15.23 8.04 10.53
C THR A 120 -14.98 7.53 11.95
N ASP A 121 -15.68 6.47 12.37
CA ASP A 121 -15.47 5.84 13.70
C ASP A 121 -14.51 4.64 13.58
N HIS A 122 -14.09 4.25 12.36
CA HIS A 122 -13.13 3.11 12.24
C HIS A 122 -12.28 3.23 10.99
N VAL A 123 -11.07 2.66 11.06
CA VAL A 123 -10.23 2.42 9.87
C VAL A 123 -10.18 0.93 9.64
N ASP A 124 -10.10 0.56 8.36
CA ASP A 124 -10.12 -0.88 7.99
C ASP A 124 -8.77 -1.48 8.35
N LEU A 125 -7.68 -0.76 8.17
CA LEU A 125 -6.33 -1.34 8.35
C LEU A 125 -5.40 -0.24 8.85
N LEU A 126 -4.64 -0.51 9.91
CA LEU A 126 -3.64 0.44 10.44
C LEU A 126 -2.28 -0.20 10.29
N LEU A 127 -1.32 0.51 9.69
CA LEU A 127 0.06 0.01 9.56
C LEU A 127 1.04 0.82 10.39
N ILE A 128 1.96 0.14 11.08
CA ILE A 128 3.17 0.83 11.56
C ILE A 128 3.98 1.18 10.31
N HIS A 129 4.28 2.46 10.12
CA HIS A 129 4.72 3.01 8.82
C HIS A 129 6.17 2.65 8.50
N ARG A 130 7.02 2.52 9.51
CA ARG A 130 8.46 2.21 9.35
C ARG A 130 8.90 1.42 10.54
N PRO A 131 9.88 0.50 10.40
CA PRO A 131 10.39 -0.23 11.56
C PRO A 131 11.19 0.79 12.39
N ASP A 132 10.90 0.80 13.68
CA ASP A 132 11.50 1.74 14.66
C ASP A 132 12.68 1.07 15.34
N PRO A 133 13.92 1.54 15.15
CA PRO A 133 15.07 0.94 15.84
C PRO A 133 14.95 1.03 17.38
N LEU A 134 14.04 1.87 17.89
CA LEU A 134 13.78 2.06 19.33
C LEU A 134 12.47 1.41 19.73
N ILE A 135 11.96 0.47 18.96
CA ILE A 135 10.65 -0.11 19.29
C ILE A 135 10.76 -0.89 20.62
N ASP A 136 9.74 -0.70 21.47
CA ASP A 136 9.34 -1.61 22.54
C ASP A 136 8.17 -2.43 22.00
N ALA A 137 8.43 -3.66 21.57
CA ALA A 137 7.42 -4.51 20.89
C ALA A 137 6.28 -4.85 21.84
N GLU A 138 6.57 -5.00 23.13
CA GLU A 138 5.52 -5.37 24.10
C GLU A 138 4.51 -4.23 24.16
N GLU A 139 5.00 -3.01 24.32
CA GLU A 139 4.15 -1.81 24.42
C GLU A 139 3.37 -1.64 23.11
N THR A 140 4.05 -1.59 21.98
CA THR A 140 3.38 -1.38 20.66
C THR A 140 2.34 -2.48 20.43
N GLY A 141 2.68 -3.76 20.66
CA GLY A 141 1.74 -4.87 20.42
C GLY A 141 0.53 -4.76 21.31
N LYS A 142 0.69 -4.26 22.52
CA LYS A 142 -0.48 -4.11 23.40
C LYS A 142 -1.39 -3.02 22.86
N ALA A 143 -0.80 -1.94 22.37
CA ALA A 143 -1.62 -0.82 21.85
C ALA A 143 -2.38 -1.30 20.61
N LEU A 144 -1.74 -2.09 19.74
CA LEU A 144 -2.36 -2.51 18.45
C LEU A 144 -3.50 -3.49 18.76
N ASP A 145 -3.31 -4.39 19.72
CA ASP A 145 -4.31 -5.40 20.12
C ASP A 145 -5.54 -4.69 20.66
N ALA A 146 -5.34 -3.65 21.48
CA ALA A 146 -6.46 -2.93 22.13
C ALA A 146 -7.21 -2.17 21.03
N LEU A 147 -6.49 -1.66 20.03
CA LEU A 147 -7.17 -0.91 18.93
C LEU A 147 -8.10 -1.85 18.14
N VAL A 148 -7.72 -3.10 17.98
CA VAL A 148 -8.57 -4.10 17.28
C VAL A 148 -9.76 -4.44 18.19
N ALA A 149 -9.50 -4.72 19.47
CA ALA A 149 -10.57 -5.13 20.42
C ALA A 149 -11.63 -4.02 20.51
N SER A 150 -11.18 -2.76 20.43
CA SER A 150 -12.03 -1.56 20.51
C SER A 150 -12.94 -1.39 19.29
N GLY A 151 -12.60 -1.96 18.12
CA GLY A 151 -13.41 -1.80 16.89
C GLY A 151 -12.99 -0.56 16.11
N LYS A 152 -12.08 0.26 16.65
CA LYS A 152 -11.57 1.48 15.95
C LYS A 152 -10.74 1.10 14.74
N VAL A 153 -10.13 -0.07 14.77
CA VAL A 153 -9.23 -0.59 13.70
C VAL A 153 -9.67 -2.02 13.40
N LYS A 154 -9.96 -2.35 12.15
CA LYS A 154 -10.47 -3.72 11.88
C LYS A 154 -9.29 -4.70 11.88
N ALA A 155 -8.13 -4.27 11.43
CA ALA A 155 -6.96 -5.16 11.32
C ALA A 155 -5.72 -4.32 11.35
N VAL A 156 -4.60 -4.97 11.70
CA VAL A 156 -3.29 -4.27 11.79
C VAL A 156 -2.24 -4.96 10.90
N GLY A 157 -1.34 -4.17 10.35
CA GLY A 157 -0.15 -4.62 9.63
C GLY A 157 0.97 -3.65 9.81
N VAL A 158 2.01 -3.83 9.02
CA VAL A 158 3.26 -3.05 9.08
C VAL A 158 3.64 -2.61 7.68
N SER A 159 4.68 -1.81 7.59
CA SER A 159 5.15 -1.22 6.33
C SER A 159 6.65 -1.09 6.44
N ASN A 160 7.36 -1.56 5.42
CA ASN A 160 8.84 -1.45 5.33
C ASN A 160 9.51 -2.28 6.42
N PHE A 161 8.82 -3.23 7.04
CA PHE A 161 9.45 -4.12 8.03
C PHE A 161 10.31 -5.15 7.31
N ARG A 162 11.47 -5.48 7.90
CA ARG A 162 12.22 -6.67 7.48
C ARG A 162 11.59 -7.87 8.15
N PRO A 163 11.87 -9.11 7.70
CA PRO A 163 11.30 -10.27 8.38
C PRO A 163 11.53 -10.27 9.89
N TRP A 164 12.70 -9.83 10.32
CA TRP A 164 13.03 -9.85 11.78
C TRP A 164 12.22 -8.82 12.58
N ASP A 165 11.92 -7.66 11.97
CA ASP A 165 10.99 -6.66 12.56
C ASP A 165 9.59 -7.21 12.66
N PHE A 166 9.14 -7.90 11.61
CA PHE A 166 7.80 -8.48 11.52
C PHE A 166 7.67 -9.52 12.63
N SER A 167 8.65 -10.40 12.67
CA SER A 167 8.73 -11.50 13.66
C SER A 167 8.71 -10.90 15.08
N LEU A 168 9.49 -9.86 15.34
CA LEU A 168 9.55 -9.29 16.73
C LEU A 168 8.18 -8.73 17.14
N LEU A 169 7.56 -7.92 16.30
CA LEU A 169 6.28 -7.31 16.66
C LEU A 169 5.21 -8.40 16.77
N GLN A 170 5.16 -9.36 15.82
CA GLN A 170 4.14 -10.44 15.89
C GLN A 170 4.34 -11.26 17.18
N SER A 171 5.57 -11.45 17.65
CA SER A 171 5.79 -12.23 18.89
C SER A 171 5.10 -11.53 20.07
N ALA A 172 4.85 -10.22 20.03
CA ALA A 172 4.31 -9.42 21.15
C ALA A 172 2.81 -9.18 20.98
N MET A 173 2.17 -9.75 19.96
CA MET A 173 0.76 -9.46 19.68
C MET A 173 -0.08 -10.74 19.67
N SER A 174 -1.32 -10.61 20.06
CA SER A 174 -2.35 -11.67 20.00
C SER A 174 -2.94 -11.68 18.59
N ASN A 175 -3.23 -10.52 18.02
CA ASN A 175 -3.76 -10.43 16.63
C ASN A 175 -2.64 -10.69 15.64
N ARG A 176 -3.01 -11.26 14.51
CA ARG A 176 -2.06 -11.54 13.42
C ARG A 176 -2.00 -10.29 12.56
N LEU A 177 -0.78 -9.86 12.27
CA LEU A 177 -0.46 -8.81 11.26
C LEU A 177 -0.89 -9.34 9.88
N VAL A 178 -1.64 -8.54 9.12
CA VAL A 178 -2.32 -9.07 7.90
C VAL A 178 -1.56 -8.61 6.67
N THR A 179 -0.58 -7.73 6.80
CA THR A 179 0.20 -7.31 5.61
C THR A 179 1.49 -6.62 6.00
N ASN A 180 2.34 -6.46 5.02
CA ASN A 180 3.58 -5.67 5.09
C ASN A 180 3.62 -4.87 3.80
N GLN A 181 3.54 -3.54 3.90
CA GLN A 181 3.57 -2.68 2.71
C GLN A 181 5.02 -2.33 2.37
N ILE A 182 5.54 -2.89 1.28
CA ILE A 182 6.97 -2.84 0.92
C ILE A 182 7.08 -2.48 -0.54
N GLU A 183 8.22 -1.97 -0.92
CA GLU A 183 8.52 -1.65 -2.33
C GLU A 183 8.64 -2.94 -3.15
N MET A 184 7.86 -3.07 -4.21
CA MET A 184 7.91 -4.23 -5.14
C MET A 184 7.55 -3.70 -6.53
N SER A 185 8.36 -4.01 -7.51
CA SER A 185 8.14 -3.64 -8.93
C SER A 185 9.21 -4.29 -9.77
N LEU A 186 9.14 -4.09 -11.09
CA LEU A 186 10.20 -4.52 -12.01
C LEU A 186 11.52 -3.78 -11.74
N LEU A 187 11.53 -2.61 -11.10
CA LEU A 187 12.78 -1.90 -10.72
C LEU A 187 13.18 -2.21 -9.28
N ALA A 188 12.37 -2.93 -8.51
CA ALA A 188 12.70 -3.27 -7.11
C ALA A 188 12.38 -4.73 -6.89
N THR A 189 13.33 -5.59 -7.23
CA THR A 189 13.10 -7.07 -7.26
C THR A 189 13.87 -7.78 -6.14
N ASP A 190 14.51 -7.07 -5.23
CA ASP A 190 15.32 -7.73 -4.17
C ASP A 190 14.44 -8.63 -3.29
N THR A 191 13.21 -8.24 -2.98
CA THR A 191 12.40 -9.02 -2.01
C THR A 191 12.11 -10.42 -2.57
N PHE A 192 12.17 -10.60 -3.90
CA PHE A 192 11.84 -11.89 -4.56
C PHE A 192 12.89 -12.96 -4.23
N THR A 193 14.13 -12.56 -3.91
CA THR A 193 15.23 -13.53 -3.66
C THR A 193 15.90 -13.35 -2.28
N ASN A 194 15.66 -12.26 -1.54
CA ASN A 194 16.48 -11.93 -0.34
C ASN A 194 15.81 -12.41 0.93
N GLY A 195 14.68 -13.11 0.88
CA GLY A 195 13.99 -13.60 2.08
C GLY A 195 12.82 -12.73 2.51
N ASP A 196 12.74 -11.50 2.05
CA ASP A 196 11.62 -10.60 2.48
C ASP A 196 10.29 -11.23 2.03
N LEU A 197 10.16 -11.61 0.77
CA LEU A 197 8.88 -12.10 0.23
C LEU A 197 8.67 -13.54 0.69
N ALA A 198 9.74 -14.36 0.74
CA ALA A 198 9.64 -15.76 1.20
C ALA A 198 9.04 -15.81 2.60
N TYR A 199 9.48 -14.90 3.46
CA TYR A 199 8.99 -14.89 4.86
C TYR A 199 7.47 -14.69 4.85
N LEU A 200 7.02 -13.67 4.11
CA LEU A 200 5.56 -13.36 4.02
C LEU A 200 4.82 -14.53 3.38
N GLN A 201 5.40 -15.13 2.34
CA GLN A 201 4.75 -16.27 1.67
C GLN A 201 4.59 -17.45 2.64
N GLU A 202 5.60 -17.74 3.47
CA GLU A 202 5.51 -18.83 4.49
C GLU A 202 4.44 -18.50 5.54
N LYS A 203 4.27 -17.23 5.89
CA LYS A 203 3.26 -16.81 6.90
C LYS A 203 1.86 -16.62 6.28
N ARG A 204 1.72 -16.77 4.96
CA ARG A 204 0.43 -16.62 4.21
C ARG A 204 -0.05 -15.18 4.41
N VAL A 205 0.87 -14.24 4.41
CA VAL A 205 0.61 -12.78 4.50
C VAL A 205 0.84 -12.19 3.11
N SER A 206 -0.19 -11.59 2.54
CA SER A 206 -0.10 -10.76 1.30
C SER A 206 0.65 -9.49 1.60
N PRO A 207 1.71 -9.17 0.82
CA PRO A 207 2.30 -7.83 0.86
C PRO A 207 1.43 -6.84 0.05
N MET A 208 1.47 -5.57 0.44
CA MET A 208 1.07 -4.41 -0.38
C MET A 208 2.33 -3.84 -1.01
N ALA A 209 2.29 -3.64 -2.32
CA ALA A 209 3.47 -3.20 -3.10
C ALA A 209 3.37 -1.68 -3.26
N TRP A 210 4.33 -0.95 -2.68
CA TRP A 210 4.45 0.50 -2.98
C TRP A 210 5.43 0.72 -4.12
N SER A 211 5.26 1.86 -4.82
CA SER A 211 5.91 2.26 -6.11
C SER A 211 5.88 1.09 -7.09
N PRO A 212 4.70 0.46 -7.34
CA PRO A 212 4.63 -0.72 -8.20
C PRO A 212 4.99 -0.42 -9.66
N LEU A 213 5.12 0.85 -10.06
CA LEU A 213 5.54 1.21 -11.46
C LEU A 213 7.03 1.53 -11.50
N GLY A 214 7.68 1.44 -10.34
CA GLY A 214 9.13 1.63 -10.21
C GLY A 214 9.43 3.07 -9.83
N GLY A 215 8.41 3.84 -9.42
CA GLY A 215 8.59 5.18 -8.83
C GLY A 215 8.95 6.22 -9.88
N GLY A 216 8.47 6.03 -11.12
CA GLY A 216 8.54 6.98 -12.24
C GLY A 216 9.74 6.73 -13.13
N SER A 217 10.67 5.87 -12.72
CA SER A 217 11.97 5.63 -13.40
C SER A 217 11.79 4.67 -14.59
N LEU A 218 10.77 3.80 -14.58
CA LEU A 218 10.60 2.70 -15.58
C LEU A 218 10.23 3.34 -16.93
N PHE A 219 9.35 4.35 -16.94
CA PHE A 219 8.80 4.98 -18.18
C PHE A 219 9.82 5.96 -18.79
N SER A 220 10.56 6.70 -17.94
CA SER A 220 11.72 7.58 -18.30
C SER A 220 12.89 6.76 -18.84
N GLY A 224 14.56 0.72 -21.52
CA GLY A 224 14.65 0.40 -22.95
C GLY A 224 14.14 -1.00 -23.25
N GLY A 225 14.91 -2.06 -22.93
CA GLY A 225 14.51 -3.48 -23.15
C GLY A 225 13.26 -3.84 -22.34
N THR A 226 13.20 -3.41 -21.09
CA THR A 226 12.08 -3.67 -20.18
C THR A 226 10.86 -2.95 -20.73
N MET A 227 10.98 -1.67 -21.03
CA MET A 227 9.83 -0.87 -21.51
C MET A 227 9.37 -1.44 -22.87
N ALA A 228 10.28 -1.76 -23.80
CA ALA A 228 9.91 -2.36 -25.11
C ALA A 228 9.08 -3.64 -24.90
N ALA A 229 9.43 -4.50 -23.92
CA ALA A 229 8.68 -5.76 -23.68
C ALA A 229 7.32 -5.45 -23.05
N LEU A 230 7.24 -4.50 -22.13
CA LEU A 230 5.96 -4.12 -21.49
C LEU A 230 5.02 -3.58 -22.57
N GLN A 231 5.55 -2.77 -23.48
CA GLN A 231 4.74 -2.15 -24.56
C GLN A 231 4.31 -3.26 -25.51
N ARG A 232 5.21 -4.17 -25.85
CA ARG A 232 4.86 -5.27 -26.76
C ARG A 232 3.72 -6.12 -26.19
N ILE A 233 3.86 -6.60 -24.95
CA ILE A 233 2.84 -7.45 -24.30
C ILE A 233 1.55 -6.63 -24.22
N GLY A 234 1.62 -5.37 -23.85
CA GLY A 234 0.39 -4.57 -23.75
C GLY A 234 -0.30 -4.53 -25.11
N LYS A 235 0.45 -4.33 -26.18
CA LYS A 235 -0.12 -4.22 -27.55
C LYS A 235 -0.65 -5.59 -28.00
N GLU A 236 -0.08 -6.69 -27.52
CA GLU A 236 -0.59 -8.06 -27.78
C GLU A 236 -1.94 -8.27 -27.07
N GLN A 237 -2.19 -7.58 -25.94
CA GLN A 237 -3.37 -7.85 -25.09
C GLN A 237 -4.31 -6.65 -25.01
N GLY A 238 -4.10 -5.60 -25.81
CA GLY A 238 -5.02 -4.45 -25.84
C GLY A 238 -4.95 -3.57 -24.59
N VAL A 239 -3.79 -3.49 -23.93
CA VAL A 239 -3.61 -2.62 -22.74
C VAL A 239 -2.27 -1.89 -22.84
N ASP A 240 -2.06 -0.92 -21.97
CA ASP A 240 -0.82 -0.14 -21.99
C ASP A 240 0.23 -0.82 -21.11
N ALA A 241 1.44 -0.33 -21.21
CA ALA A 241 2.66 -0.89 -20.57
C ALA A 241 2.49 -0.84 -19.05
N THR A 242 1.83 0.21 -18.57
CA THR A 242 1.50 0.37 -17.13
C THR A 242 0.70 -0.84 -16.65
N ALA A 243 -0.29 -1.31 -17.41
CA ALA A 243 -1.13 -2.42 -16.94
C ALA A 243 -0.28 -3.68 -16.83
N VAL A 244 0.65 -3.87 -17.77
CA VAL A 244 1.54 -5.05 -17.80
C VAL A 244 2.48 -5.01 -16.57
N ALA A 245 2.98 -3.85 -16.19
CA ALA A 245 3.93 -3.73 -15.05
C ALA A 245 3.20 -4.09 -13.74
N ILE A 246 1.93 -3.72 -13.62
CA ILE A 246 1.10 -4.09 -12.45
C ILE A 246 0.76 -5.58 -12.54
N ALA A 247 0.39 -6.09 -13.72
CA ALA A 247 0.04 -7.51 -13.85
C ALA A 247 1.24 -8.39 -13.49
N TRP A 248 2.47 -7.95 -13.77
CA TRP A 248 3.70 -8.68 -13.34
C TRP A 248 3.68 -8.90 -11.82
N LEU A 249 3.24 -7.91 -11.03
CA LEU A 249 3.06 -8.12 -9.58
C LEU A 249 1.89 -9.06 -9.30
N LEU A 250 0.74 -8.86 -9.97
CA LEU A 250 -0.51 -9.62 -9.69
C LEU A 250 -0.29 -11.11 -9.93
N ARG A 251 0.70 -11.47 -10.75
CA ARG A 251 0.95 -12.87 -11.20
C ARG A 251 1.58 -13.70 -10.07
N HIS A 252 2.23 -13.05 -9.11
CA HIS A 252 3.02 -13.75 -8.08
C HIS A 252 2.12 -14.50 -7.13
N PRO A 253 2.43 -15.76 -6.82
CA PRO A 253 1.56 -16.52 -5.92
C PRO A 253 1.49 -16.03 -4.45
N ALA A 254 2.33 -15.10 -4.01
CA ALA A 254 2.25 -14.43 -2.68
C ALA A 254 1.03 -13.47 -2.57
N LYS A 255 0.32 -13.21 -3.67
CA LYS A 255 -0.93 -12.41 -3.67
C LYS A 255 -0.56 -11.00 -3.22
N ILE A 256 0.24 -10.36 -4.07
CA ILE A 256 0.71 -8.96 -3.88
C ILE A 256 -0.44 -8.02 -4.21
N VAL A 257 -0.59 -6.98 -3.39
CA VAL A 257 -1.70 -5.98 -3.55
C VAL A 257 -1.01 -4.68 -3.96
N PRO A 258 -1.00 -4.27 -5.26
CA PRO A 258 -0.35 -3.02 -5.65
C PRO A 258 -1.11 -1.79 -5.16
N VAL A 259 -0.36 -0.76 -4.81
CA VAL A 259 -0.88 0.55 -4.39
C VAL A 259 -0.54 1.56 -5.48
N LEU A 260 -1.51 2.07 -6.24
CA LEU A 260 -1.25 2.99 -7.39
C LEU A 260 -1.50 4.40 -6.87
N GLY A 261 -0.54 5.33 -7.03
CA GLY A 261 -0.60 6.69 -6.48
C GLY A 261 -0.62 7.79 -7.55
N THR A 262 -1.67 7.90 -8.33
CA THR A 262 -1.83 8.95 -9.37
C THR A 262 -2.97 9.91 -8.94
N ASN A 263 -2.84 11.21 -9.23
CA ASN A 263 -3.95 12.19 -9.11
C ASN A 263 -4.73 12.29 -10.44
N ASN A 264 -4.33 11.54 -11.46
CA ASN A 264 -4.86 11.64 -12.86
C ASN A 264 -6.06 10.73 -13.06
N LEU A 265 -7.22 11.32 -13.32
CA LEU A 265 -8.51 10.61 -13.46
C LEU A 265 -8.45 9.62 -14.63
N GLU A 266 -7.63 9.88 -15.63
CA GLU A 266 -7.51 9.00 -16.84
C GLU A 266 -6.66 7.76 -16.51
N ARG A 267 -5.68 7.86 -15.60
CA ARG A 267 -4.89 6.66 -15.15
C ARG A 267 -5.74 5.88 -14.14
N ILE A 268 -6.59 6.55 -13.36
CA ILE A 268 -7.57 5.83 -12.49
C ILE A 268 -8.52 5.09 -13.43
N ARG A 269 -9.00 5.75 -14.50
CA ARG A 269 -10.02 5.12 -15.38
C ARG A 269 -9.45 3.79 -15.91
N THR A 270 -8.13 3.65 -16.09
CA THR A 270 -7.55 2.47 -16.80
C THR A 270 -6.87 1.51 -15.83
N ALA A 271 -6.83 1.85 -14.54
CA ALA A 271 -6.05 1.12 -13.51
C ALA A 271 -6.40 -0.38 -13.50
N ALA A 272 -7.68 -0.73 -13.71
CA ALA A 272 -8.17 -2.13 -13.68
C ALA A 272 -7.63 -2.91 -14.88
N ASP A 273 -7.06 -2.26 -15.92
CA ASP A 273 -6.61 -2.98 -17.13
C ASP A 273 -5.54 -4.01 -16.76
N ALA A 274 -4.84 -3.86 -15.64
CA ALA A 274 -3.85 -4.85 -15.20
C ALA A 274 -4.50 -6.26 -15.07
N LEU A 275 -5.78 -6.34 -14.66
CA LEU A 275 -6.49 -7.64 -14.44
C LEU A 275 -6.85 -8.32 -15.75
N ARG A 276 -6.75 -7.59 -16.87
CA ARG A 276 -7.00 -8.12 -18.23
C ARG A 276 -5.75 -8.85 -18.74
N VAL A 277 -4.58 -8.67 -18.09
CA VAL A 277 -3.33 -9.25 -18.62
C VAL A 277 -3.25 -10.72 -18.24
N THR A 278 -3.01 -11.57 -19.23
CA THR A 278 -2.61 -12.98 -19.02
C THR A 278 -1.09 -12.98 -19.01
N MET A 279 -0.50 -13.33 -17.86
CA MET A 279 0.95 -13.30 -17.64
C MET A 279 1.39 -14.75 -17.37
N ASP A 280 1.83 -15.47 -18.38
CA ASP A 280 2.24 -16.89 -18.16
C ASP A 280 3.62 -16.90 -17.51
N ARG A 281 4.04 -18.07 -17.05
CA ARG A 281 5.33 -18.21 -16.34
C ARG A 281 6.47 -17.66 -17.20
N GLN A 282 6.57 -18.04 -18.47
CA GLN A 282 7.68 -17.56 -19.33
C GLN A 282 7.67 -16.05 -19.48
N THR A 283 6.51 -15.45 -19.66
CA THR A 283 6.43 -13.98 -19.78
C THR A 283 6.91 -13.35 -18.46
N TRP A 284 6.54 -13.94 -17.32
CA TRP A 284 6.94 -13.42 -16.00
C TRP A 284 8.46 -13.40 -15.88
N PHE A 285 9.09 -14.48 -16.32
CA PHE A 285 10.57 -14.60 -16.35
C PHE A 285 11.19 -13.64 -17.38
N GLU A 286 10.58 -13.46 -18.54
CA GLU A 286 11.15 -12.55 -19.56
C GLU A 286 11.28 -11.18 -18.94
N LEU A 287 10.20 -10.70 -18.32
CA LEU A 287 10.22 -9.35 -17.71
C LEU A 287 11.21 -9.33 -16.54
N TYR A 288 11.21 -10.34 -15.69
CA TYR A 288 12.10 -10.38 -14.49
C TYR A 288 13.57 -10.30 -14.94
N THR A 289 13.89 -11.06 -15.99
CA THR A 289 15.27 -11.13 -16.53
C THR A 289 15.66 -9.80 -17.18
N LEU A 290 14.79 -9.17 -17.95
CA LEU A 290 15.08 -7.85 -18.56
C LEU A 290 15.31 -6.84 -17.45
N ALA A 291 14.54 -6.91 -16.37
CA ALA A 291 14.63 -5.95 -15.25
C ALA A 291 15.94 -6.18 -14.49
N ILE A 292 16.24 -7.43 -14.10
CA ILE A 292 17.51 -7.68 -13.34
C ILE A 292 18.72 -7.44 -14.27
N GLY A 293 18.55 -7.45 -15.59
CA GLY A 293 19.65 -7.23 -16.54
C GLY A 293 20.57 -8.43 -16.72
N LYS A 294 20.16 -9.65 -16.36
CA LYS A 294 21.01 -10.86 -16.56
C LYS A 294 20.10 -12.09 -16.46
N GLU A 295 20.51 -13.19 -17.09
CA GLU A 295 19.80 -14.47 -17.10
C GLU A 295 19.69 -14.98 -15.67
N VAL A 296 18.66 -15.77 -15.40
CA VAL A 296 18.57 -16.52 -14.13
C VAL A 296 19.75 -17.48 -14.09
N ALA A 297 20.19 -17.84 -12.90
CA ALA A 297 21.28 -18.83 -12.71
C ALA A 297 20.77 -20.18 -13.25
N LEU A 298 21.58 -20.82 -14.10
CA LEU A 298 21.22 -22.12 -14.70
C LEU A 298 21.88 -23.21 -13.86
N GLU A 299 22.22 -24.34 -14.47
CA GLU A 299 22.78 -25.48 -13.70
C GLU A 299 24.12 -25.01 -13.10
N HIS A 300 24.36 -25.30 -11.82
CA HIS A 300 25.65 -24.93 -11.18
C HIS A 300 26.79 -25.75 -11.80
N HIS A 301 26.52 -26.97 -12.20
CA HIS A 301 27.48 -27.85 -12.90
C HIS A 301 27.54 -27.49 -14.39
N HIS A 302 28.52 -26.70 -14.87
CA HIS A 302 28.54 -26.21 -16.28
C HIS A 302 29.95 -25.84 -16.76
P PO4 B . 19.89 -7.35 3.38
O1 PO4 B . 18.75 -8.32 3.11
O2 PO4 B . 20.59 -7.11 2.07
O3 PO4 B . 20.81 -7.99 4.42
O4 PO4 B . 19.40 -6.05 3.96
P PO4 C . -18.31 4.58 10.52
O1 PO4 C . -18.55 3.69 9.28
O2 PO4 C . -17.38 3.84 11.46
O3 PO4 C . -19.61 4.86 11.27
O4 PO4 C . -17.70 5.91 10.07
#